data_4L51
#
_entry.id   4L51
#
_cell.length_a   116.613
_cell.length_b   116.613
_cell.length_c   79.744
_cell.angle_alpha   90.00
_cell.angle_beta   90.00
_cell.angle_gamma   120.00
#
_symmetry.space_group_name_H-M   'P 65'
#
loop_
_entity.id
_entity.type
_entity.pdbx_description
1 polymer 'Transcriptional regulator LsrR'
2 non-polymer 5-O-phosphono-alpha-D-ribofuranose
3 water water
#
_entity_poly.entity_id   1
_entity_poly.type   'polypeptide(L)'
_entity_poly.pdbx_seq_one_letter_code
;SKGHQSGIIRVQINSRFEGCLEYETQLRRQFSLQHVRVIPGLADADVGGRLGIGAAHMLMSLLQPQQMLAIGFGEATMNT
LQRLSGFISSQQIRLVTLSGGVGSYMTGIGQLNAACSVNIIPAPLRASSADIARTLKNENCVKDVLLAAQAADVAIVGIG
AVSQQDDATIIRSGYISQGEQLMIGRKGAVGDILGYFFDAKGDVVTNIKIHNELIGLPLSALKTIPVRVGVAGGENKAEA
IAAAMKGGYINALVTDQDTAAAILRS
;
_entity_poly.pdbx_strand_id   A,B
#
loop_
_chem_comp.id
_chem_comp.type
_chem_comp.name
_chem_comp.formula
HSX D-saccharide, alpha linking 5-O-phosphono-alpha-D-ribofuranose 'C5 H11 O8 P'
#
# COMPACT_ATOMS: atom_id res chain seq x y z
N GLU A 18 26.08 -30.80 2.26
CA GLU A 18 26.53 -32.15 1.79
C GLU A 18 25.38 -33.04 1.28
N GLY A 19 24.41 -33.38 2.15
CA GLY A 19 23.20 -34.13 1.73
C GLY A 19 22.27 -33.26 0.86
N CYS A 20 22.50 -31.93 0.89
CA CYS A 20 21.70 -30.94 0.17
C CYS A 20 21.76 -31.11 -1.35
N LEU A 21 22.93 -31.34 -1.92
CA LEU A 21 22.99 -31.53 -3.35
C LEU A 21 22.15 -32.71 -3.83
N GLU A 22 22.11 -33.80 -3.05
CA GLU A 22 21.45 -35.02 -3.55
C GLU A 22 19.97 -34.76 -3.50
N TYR A 23 19.53 -34.07 -2.44
CA TYR A 23 18.10 -33.80 -2.26
C TYR A 23 17.65 -32.81 -3.35
N GLU A 24 18.50 -31.83 -3.65
CA GLU A 24 18.23 -30.98 -4.81
C GLU A 24 18.05 -31.78 -6.07
N THR A 25 19.00 -32.65 -6.37
CA THR A 25 18.90 -33.43 -7.58
C THR A 25 17.63 -34.25 -7.65
N GLN A 26 17.30 -34.91 -6.56
CA GLN A 26 16.12 -35.77 -6.59
C GLN A 26 14.86 -34.96 -6.67
N LEU A 27 14.82 -33.83 -5.94
CA LEU A 27 13.65 -32.94 -6.11
C LEU A 27 13.50 -32.41 -7.53
N ARG A 28 14.61 -31.99 -8.11
CA ARG A 28 14.59 -31.47 -9.48
C ARG A 28 14.02 -32.51 -10.42
N ARG A 29 14.46 -33.73 -10.27
CA ARG A 29 13.99 -34.80 -11.21
C ARG A 29 12.61 -35.30 -10.86
N GLN A 30 12.24 -35.44 -9.60
CA GLN A 30 10.85 -35.96 -9.28
C GLN A 30 9.79 -35.01 -9.74
N PHE A 31 10.05 -33.71 -9.62
CA PHE A 31 9.02 -32.72 -9.89
C PHE A 31 9.27 -31.89 -11.10
N SER A 32 10.23 -32.32 -11.92
CA SER A 32 10.56 -31.62 -13.18
C SER A 32 10.80 -30.15 -12.92
N LEU A 33 11.64 -29.82 -11.95
CA LEU A 33 11.81 -28.41 -11.60
C LEU A 33 12.89 -27.74 -12.44
N GLN A 34 12.75 -26.45 -12.61
CA GLN A 34 13.81 -25.64 -13.23
C GLN A 34 15.01 -25.32 -12.32
N HIS A 35 14.78 -25.00 -11.06
CA HIS A 35 15.82 -24.64 -10.09
C HIS A 35 15.39 -25.13 -8.70
N VAL A 36 16.33 -25.51 -7.86
CA VAL A 36 16.00 -25.97 -6.52
C VAL A 36 17.16 -25.64 -5.62
N ARG A 37 16.87 -25.24 -4.42
CA ARG A 37 17.86 -25.07 -3.40
C ARG A 37 17.31 -25.70 -2.12
N VAL A 38 18.13 -26.51 -1.47
CA VAL A 38 17.75 -27.16 -0.24
C VAL A 38 18.83 -26.74 0.78
N ILE A 39 18.37 -26.19 1.91
CA ILE A 39 19.21 -25.50 2.90
C ILE A 39 19.52 -26.53 4.00
N PRO A 40 20.72 -26.49 4.62
CA PRO A 40 20.97 -27.43 5.76
C PRO A 40 19.94 -27.29 6.87
N GLY A 41 19.49 -28.42 7.44
CA GLY A 41 18.49 -28.38 8.53
C GLY A 41 19.05 -27.85 9.84
N LEU A 42 18.15 -27.25 10.66
CA LEU A 42 18.45 -26.70 12.03
C LEU A 42 19.92 -26.47 12.47
N ASP A 46 18.47 -19.99 12.34
CA ASP A 46 17.12 -20.53 12.36
C ASP A 46 16.59 -20.64 10.92
N VAL A 47 15.58 -21.50 10.78
CA VAL A 47 15.16 -22.02 9.47
C VAL A 47 14.56 -20.91 8.57
N GLY A 48 13.54 -20.17 9.00
CA GLY A 48 12.92 -19.12 8.15
C GLY A 48 13.88 -18.01 7.66
N GLY A 49 14.88 -17.72 8.48
CA GLY A 49 15.80 -16.64 8.16
C GLY A 49 16.71 -17.17 7.08
N ARG A 50 17.09 -18.43 7.22
CA ARG A 50 17.94 -19.11 6.29
C ARG A 50 17.22 -19.43 5.00
N LEU A 51 15.92 -19.63 5.03
CA LEU A 51 15.17 -19.81 3.77
C LEU A 51 15.18 -18.52 2.91
N GLY A 52 15.08 -17.38 3.57
CA GLY A 52 15.08 -16.11 2.87
C GLY A 52 16.42 -15.86 2.21
N ILE A 53 17.49 -16.23 2.89
CA ILE A 53 18.86 -16.15 2.26
C ILE A 53 18.91 -17.00 1.05
N GLY A 54 18.45 -18.26 1.18
CA GLY A 54 18.50 -19.19 0.05
C GLY A 54 17.69 -18.70 -1.13
N ALA A 55 16.50 -18.20 -0.85
CA ALA A 55 15.63 -17.76 -1.94
C ALA A 55 16.14 -16.43 -2.55
N ALA A 56 16.64 -15.50 -1.72
CA ALA A 56 17.27 -14.29 -2.26
C ALA A 56 18.43 -14.64 -3.19
N HIS A 57 19.30 -15.56 -2.79
CA HIS A 57 20.39 -15.98 -3.64
C HIS A 57 19.93 -16.58 -4.98
N MET A 58 18.91 -17.43 -4.95
CA MET A 58 18.41 -18.00 -6.18
C MET A 58 17.88 -16.89 -7.08
N LEU A 59 17.14 -15.95 -6.47
CA LEU A 59 16.56 -14.84 -7.25
C LEU A 59 17.66 -13.91 -7.87
N MET A 60 18.76 -13.73 -7.14
CA MET A 60 19.91 -12.97 -7.66
C MET A 60 20.51 -13.60 -8.90
N SER A 61 20.43 -14.91 -9.08
CA SER A 61 21.01 -15.49 -10.27
C SER A 61 19.98 -15.70 -11.36
N LEU A 62 18.69 -15.56 -11.03
CA LEU A 62 17.66 -15.68 -11.99
C LEU A 62 17.26 -14.36 -12.66
N LEU A 63 17.34 -13.27 -11.95
CA LEU A 63 16.75 -12.05 -12.46
C LEU A 63 17.79 -11.27 -13.23
N GLN A 64 17.42 -10.75 -14.39
CA GLN A 64 18.26 -9.80 -15.19
C GLN A 64 17.87 -8.38 -14.85
N PRO A 65 18.72 -7.40 -15.20
CA PRO A 65 18.40 -6.00 -14.87
C PRO A 65 17.08 -5.53 -15.49
N GLN A 66 16.37 -4.76 -14.71
CA GLN A 66 15.07 -4.16 -15.04
C GLN A 66 13.93 -5.12 -15.20
N GLN A 67 14.12 -6.40 -14.83
CA GLN A 67 13.08 -7.39 -14.90
C GLN A 67 12.08 -7.17 -13.76
N MET A 68 10.95 -7.84 -13.88
CA MET A 68 9.85 -7.64 -12.95
C MET A 68 9.64 -8.92 -12.13
N LEU A 69 9.54 -8.70 -10.82
CA LEU A 69 9.33 -9.77 -9.84
C LEU A 69 8.00 -9.62 -9.16
N ALA A 70 7.19 -10.64 -9.33
CA ALA A 70 5.88 -10.68 -8.63
C ALA A 70 6.11 -11.38 -7.32
N ILE A 71 5.47 -10.86 -6.28
CA ILE A 71 5.65 -11.26 -4.93
C ILE A 71 4.33 -11.61 -4.28
N GLY A 72 4.36 -12.67 -3.51
CA GLY A 72 3.27 -13.03 -2.61
C GLY A 72 3.59 -12.60 -1.19
N PHE A 73 2.66 -12.79 -0.25
CA PHE A 73 2.84 -12.30 1.09
C PHE A 73 3.25 -13.50 1.98
N GLY A 74 3.53 -13.23 3.25
CA GLY A 74 3.91 -14.25 4.19
C GLY A 74 5.33 -14.07 4.69
N GLU A 75 5.67 -14.84 5.69
CA GLU A 75 6.98 -14.59 6.36
C GLU A 75 8.15 -14.94 5.48
N ALA A 76 8.09 -16.08 4.77
CA ALA A 76 9.20 -16.47 3.96
C ALA A 76 9.45 -15.52 2.78
N THR A 77 8.36 -15.07 2.16
CA THR A 77 8.57 -14.10 1.08
C THR A 77 9.04 -12.73 1.62
N MET A 78 8.57 -12.33 2.80
CA MET A 78 9.02 -11.05 3.31
C MET A 78 10.51 -11.12 3.72
N ASN A 79 10.92 -12.23 4.26
CA ASN A 79 12.31 -12.39 4.59
C ASN A 79 13.18 -12.33 3.34
N THR A 80 12.72 -13.00 2.28
CA THR A 80 13.44 -13.04 1.08
C THR A 80 13.64 -11.61 0.57
N LEU A 81 12.58 -10.81 0.65
CA LEU A 81 12.59 -9.47 0.06
C LEU A 81 13.56 -8.62 0.77
N GLN A 82 13.71 -8.84 2.06
CA GLN A 82 14.74 -8.11 2.82
C GLN A 82 16.16 -8.40 2.36
N ARG A 83 16.47 -9.67 2.21
CA ARG A 83 17.77 -10.06 1.71
C ARG A 83 18.04 -9.67 0.26
N LEU A 84 17.01 -9.35 -0.50
CA LEU A 84 17.11 -9.01 -1.91
C LEU A 84 17.12 -7.49 -2.19
N SER A 85 16.93 -6.71 -1.17
CA SER A 85 16.66 -5.26 -1.32
C SER A 85 17.76 -4.48 -1.97
N GLY A 86 19.00 -4.86 -1.71
CA GLY A 86 20.15 -4.27 -2.38
C GLY A 86 20.26 -4.65 -3.84
N PHE A 87 20.00 -5.93 -4.17
CA PHE A 87 19.91 -6.37 -5.56
C PHE A 87 18.78 -5.67 -6.31
N ILE A 88 17.65 -5.53 -5.65
CA ILE A 88 16.51 -4.91 -6.30
C ILE A 88 16.86 -3.49 -6.75
N SER A 89 17.53 -2.72 -5.86
CA SER A 89 17.96 -1.30 -6.22
C SER A 89 18.95 -1.28 -7.33
N SER A 90 19.99 -2.07 -7.22
CA SER A 90 21.11 -1.83 -8.11
C SER A 90 20.80 -2.43 -9.44
N GLN A 91 19.97 -3.49 -9.47
CA GLN A 91 19.58 -4.01 -10.76
C GLN A 91 18.26 -3.42 -11.26
N GLN A 92 17.65 -2.55 -10.49
CA GLN A 92 16.43 -1.85 -10.86
C GLN A 92 15.31 -2.80 -11.12
N ILE A 93 15.14 -3.74 -10.19
CA ILE A 93 14.07 -4.74 -10.33
C ILE A 93 12.74 -4.04 -10.01
N ARG A 94 11.74 -4.30 -10.84
CA ARG A 94 10.42 -3.81 -10.55
C ARG A 94 9.59 -4.86 -9.78
N LEU A 95 8.95 -4.47 -8.73
CA LEU A 95 8.13 -5.42 -7.91
C LEU A 95 6.68 -5.21 -8.16
N VAL A 96 5.91 -6.32 -8.14
CA VAL A 96 4.47 -6.22 -8.19
C VAL A 96 3.78 -7.26 -7.30
N THR A 97 2.72 -6.84 -6.60
CA THR A 97 2.02 -7.75 -5.71
C THR A 97 1.13 -8.68 -6.51
N LEU A 98 1.13 -9.93 -6.10
CA LEU A 98 0.25 -10.95 -6.69
C LEU A 98 -1.16 -11.00 -6.09
N SER A 99 -1.35 -10.43 -4.91
CA SER A 99 -2.67 -10.44 -4.25
C SER A 99 -2.96 -9.05 -3.73
N GLY A 100 -4.23 -8.78 -3.42
CA GLY A 100 -4.58 -7.67 -2.56
C GLY A 100 -4.08 -7.83 -1.12
N GLY A 101 -4.42 -6.85 -0.29
N GLY A 101 -4.43 -6.86 -0.28
CA GLY A 101 -4.12 -6.91 1.16
CA GLY A 101 -4.07 -6.94 1.15
C GLY A 101 -3.30 -5.73 1.65
C GLY A 101 -2.72 -6.27 1.43
N VAL A 102 -2.50 -5.18 0.74
CA VAL A 102 -1.53 -4.12 1.03
C VAL A 102 -0.66 -4.23 2.31
N GLY A 103 -1.32 -4.13 3.45
CA GLY A 103 -0.69 -4.23 4.73
C GLY A 103 0.13 -5.48 4.91
N SER A 104 -0.27 -6.59 4.30
CA SER A 104 0.51 -7.79 4.46
C SER A 104 1.88 -7.75 3.72
N TYR A 105 2.12 -6.77 2.85
CA TYR A 105 3.34 -6.68 2.08
C TYR A 105 4.30 -5.68 2.68
N MET A 106 3.85 -4.94 3.69
CA MET A 106 4.61 -3.77 4.21
C MET A 106 5.90 -4.09 4.95
N THR A 107 5.93 -5.18 5.72
CA THR A 107 7.20 -5.55 6.37
C THR A 107 8.28 -5.78 5.33
N GLY A 108 7.93 -6.39 4.19
CA GLY A 108 8.92 -6.62 3.14
C GLY A 108 9.22 -5.45 2.25
N ILE A 109 8.20 -4.65 1.98
CA ILE A 109 8.37 -3.48 1.15
C ILE A 109 9.12 -2.34 1.90
N GLY A 110 8.86 -2.17 3.21
CA GLY A 110 9.52 -1.09 4.05
C GLY A 110 11.05 -1.15 4.05
N GLN A 111 11.56 -2.36 3.82
CA GLN A 111 13.01 -2.65 3.70
C GLN A 111 13.67 -2.33 2.35
N LEU A 112 12.99 -1.55 1.52
CA LEU A 112 13.51 -1.14 0.24
C LEU A 112 13.68 0.37 0.31
N ASN A 113 14.56 0.90 -0.51
CA ASN A 113 14.66 2.35 -0.65
C ASN A 113 13.49 2.87 -1.47
N ALA A 114 13.20 4.17 -1.37
CA ALA A 114 12.00 4.77 -2.02
C ALA A 114 12.07 5.10 -3.53
N ALA A 115 13.18 4.81 -4.22
CA ALA A 115 13.24 4.94 -5.67
C ALA A 115 12.96 3.60 -6.36
N CYS A 116 12.70 2.56 -5.56
CA CYS A 116 12.32 1.23 -6.08
C CYS A 116 10.91 1.29 -6.64
N SER A 117 10.71 0.70 -7.82
CA SER A 117 9.40 0.58 -8.42
C SER A 117 8.56 -0.56 -7.72
N VAL A 118 7.43 -0.18 -7.16
CA VAL A 118 6.58 -1.15 -6.46
C VAL A 118 5.15 -0.94 -6.86
N ASN A 119 4.53 -1.94 -7.42
CA ASN A 119 3.20 -1.78 -7.95
C ASN A 119 2.35 -2.68 -7.09
N ILE A 120 1.38 -2.08 -6.38
CA ILE A 120 0.56 -2.70 -5.33
C ILE A 120 -0.91 -2.72 -5.70
N ILE A 121 -1.51 -3.91 -5.70
CA ILE A 121 -2.94 -4.01 -5.90
C ILE A 121 -3.69 -3.24 -4.82
N PRO A 122 -4.54 -2.24 -5.21
CA PRO A 122 -5.13 -1.39 -4.23
C PRO A 122 -6.51 -1.89 -3.80
N ALA A 123 -6.47 -3.01 -3.08
CA ALA A 123 -7.64 -3.67 -2.66
C ALA A 123 -7.37 -4.61 -1.55
N PRO A 124 -8.43 -5.07 -0.89
CA PRO A 124 -8.28 -6.09 0.11
C PRO A 124 -7.83 -7.43 -0.49
N LEU A 125 -7.27 -8.31 0.31
CA LEU A 125 -6.99 -9.66 -0.17
C LEU A 125 -8.26 -10.42 -0.56
N ARG A 126 -9.26 -10.34 0.32
CA ARG A 126 -10.53 -11.08 0.18
C ARG A 126 -11.71 -10.22 0.37
N ALA A 127 -12.69 -10.22 -0.53
CA ALA A 127 -13.90 -9.39 -0.45
C ALA A 127 -14.91 -10.18 0.40
N SER A 128 -15.86 -9.47 1.03
CA SER A 128 -16.96 -10.09 1.77
C SER A 128 -17.92 -10.94 0.86
N SER A 129 -17.83 -10.81 -0.47
CA SER A 129 -18.60 -11.65 -1.34
C SER A 129 -17.97 -11.73 -2.71
N ALA A 130 -18.37 -12.73 -3.48
CA ALA A 130 -17.80 -12.93 -4.79
C ALA A 130 -18.25 -11.83 -5.70
N ASP A 131 -19.48 -11.33 -5.53
CA ASP A 131 -19.89 -10.19 -6.37
C ASP A 131 -18.98 -8.95 -6.18
N ILE A 132 -18.69 -8.69 -4.92
CA ILE A 132 -17.81 -7.57 -4.58
C ILE A 132 -16.39 -7.84 -5.12
N ALA A 133 -15.91 -9.07 -5.03
CA ALA A 133 -14.61 -9.40 -5.61
C ALA A 133 -14.57 -9.13 -7.10
N ARG A 134 -15.59 -9.56 -7.78
CA ARG A 134 -15.66 -9.35 -9.24
C ARG A 134 -15.73 -7.85 -9.58
N THR A 135 -16.49 -7.10 -8.78
CA THR A 135 -16.55 -5.64 -8.93
C THR A 135 -15.14 -5.05 -8.78
N LEU A 136 -14.45 -5.41 -7.70
CA LEU A 136 -13.17 -4.87 -7.47
C LEU A 136 -12.17 -5.22 -8.58
N LYS A 137 -12.16 -6.46 -9.02
CA LYS A 137 -11.29 -6.91 -10.13
C LYS A 137 -11.47 -6.10 -11.43
N ASN A 138 -12.64 -5.54 -11.60
CA ASN A 138 -12.93 -4.71 -12.76
C ASN A 138 -12.64 -3.22 -12.62
N GLU A 139 -12.28 -2.76 -11.41
CA GLU A 139 -11.93 -1.37 -11.28
C GLU A 139 -10.61 -1.16 -12.02
N ASN A 140 -10.49 -0.06 -12.77
CA ASN A 140 -9.31 0.16 -13.56
C ASN A 140 -8.00 0.04 -12.82
N CYS A 141 -7.90 0.65 -11.63
CA CYS A 141 -6.64 0.68 -10.93
C CYS A 141 -6.25 -0.73 -10.39
N VAL A 142 -7.20 -1.61 -10.18
CA VAL A 142 -6.93 -2.96 -9.75
C VAL A 142 -6.57 -3.84 -10.98
N LYS A 143 -7.35 -3.69 -12.04
CA LYS A 143 -7.20 -4.48 -13.24
C LYS A 143 -5.81 -4.24 -13.86
N ASP A 144 -5.33 -3.02 -13.76
CA ASP A 144 -4.03 -2.65 -14.31
C ASP A 144 -2.90 -3.42 -13.62
N VAL A 145 -2.95 -3.52 -12.29
CA VAL A 145 -1.95 -4.21 -11.53
C VAL A 145 -2.08 -5.67 -11.71
N LEU A 146 -3.31 -6.20 -11.80
CA LEU A 146 -3.46 -7.66 -12.08
C LEU A 146 -2.78 -8.08 -13.38
N LEU A 147 -2.87 -7.24 -14.40
CA LEU A 147 -2.17 -7.53 -15.61
C LEU A 147 -0.67 -7.46 -15.51
N ALA A 148 -0.14 -6.41 -14.85
CA ALA A 148 1.27 -6.29 -14.63
C ALA A 148 1.83 -7.53 -13.94
N ALA A 149 1.10 -7.99 -12.91
CA ALA A 149 1.52 -9.17 -12.13
C ALA A 149 1.60 -10.42 -12.98
N GLN A 150 0.65 -10.61 -13.81
CA GLN A 150 0.62 -11.76 -14.67
C GLN A 150 1.75 -11.72 -15.70
N ALA A 151 2.27 -10.53 -15.97
CA ALA A 151 3.31 -10.34 -16.98
C ALA A 151 4.72 -10.40 -16.42
N ALA A 152 4.84 -10.59 -15.12
CA ALA A 152 6.14 -10.62 -14.46
C ALA A 152 7.09 -11.72 -15.03
N ASP A 153 8.38 -11.45 -14.95
CA ASP A 153 9.38 -12.40 -15.40
C ASP A 153 9.60 -13.56 -14.40
N VAL A 154 9.44 -13.29 -13.14
CA VAL A 154 9.74 -14.28 -12.04
C VAL A 154 8.69 -13.96 -10.93
N ALA A 155 8.25 -15.00 -10.23
CA ALA A 155 7.41 -14.90 -9.06
C ALA A 155 8.08 -15.64 -7.88
N ILE A 156 7.89 -15.09 -6.71
CA ILE A 156 8.28 -15.65 -5.42
C ILE A 156 7.03 -15.67 -4.49
N VAL A 157 6.63 -16.88 -4.10
CA VAL A 157 5.49 -17.11 -3.24
C VAL A 157 5.87 -18.07 -2.09
N GLY A 158 5.14 -17.90 -1.02
CA GLY A 158 5.06 -18.88 0.05
C GLY A 158 3.98 -19.93 -0.21
N ILE A 159 4.01 -20.96 0.62
CA ILE A 159 3.04 -22.02 0.56
C ILE A 159 2.50 -22.27 1.94
N GLY A 160 1.20 -22.26 2.08
CA GLY A 160 0.57 -22.59 3.40
C GLY A 160 0.07 -24.02 3.39
N ALA A 161 -0.02 -24.65 4.56
CA ALA A 161 -0.56 -26.02 4.66
C ALA A 161 -1.72 -26.04 5.66
N VAL A 162 -2.79 -26.74 5.31
CA VAL A 162 -3.97 -26.95 6.18
C VAL A 162 -3.49 -27.59 7.48
N SER A 163 -2.46 -28.41 7.41
CA SER A 163 -1.96 -29.08 8.57
C SER A 163 -1.33 -28.14 9.62
N GLN A 164 -0.98 -26.90 9.23
CA GLN A 164 -0.53 -25.90 10.20
C GLN A 164 -1.64 -25.45 11.18
N GLN A 165 -2.88 -25.67 10.80
CA GLN A 165 -4.02 -25.22 11.58
C GLN A 165 -3.89 -23.75 12.01
N ASP A 166 -3.92 -23.45 13.31
CA ASP A 166 -3.94 -22.04 13.79
C ASP A 166 -2.67 -21.31 13.55
N ASP A 167 -1.61 -22.05 13.36
CA ASP A 167 -0.31 -21.41 13.07
C ASP A 167 -0.12 -20.95 11.60
N ALA A 168 -1.02 -21.29 10.70
CA ALA A 168 -0.93 -20.81 9.28
C ALA A 168 -1.09 -19.30 9.26
N THR A 169 -0.26 -18.67 8.45
CA THR A 169 -0.31 -17.22 8.26
C THR A 169 -1.66 -16.69 7.79
N ILE A 170 -2.31 -17.43 6.91
CA ILE A 170 -3.58 -17.00 6.37
C ILE A 170 -4.63 -17.00 7.48
N ILE A 171 -4.44 -17.82 8.52
CA ILE A 171 -5.37 -17.74 9.65
C ILE A 171 -4.92 -16.70 10.70
N ARG A 172 -3.64 -16.63 10.99
CA ARG A 172 -3.11 -15.62 11.93
C ARG A 172 -3.41 -14.21 11.49
N SER A 173 -3.41 -13.99 10.18
CA SER A 173 -3.72 -12.71 9.63
C SER A 173 -5.18 -12.44 9.48
N GLY A 174 -6.06 -13.37 9.82
CA GLY A 174 -7.47 -13.07 9.92
C GLY A 174 -8.17 -13.24 8.61
N TYR A 175 -7.52 -13.82 7.60
CA TYR A 175 -8.17 -13.86 6.26
C TYR A 175 -9.22 -14.96 6.09
N ILE A 176 -9.11 -16.04 6.84
CA ILE A 176 -10.12 -17.12 6.84
C ILE A 176 -10.35 -17.48 8.29
N SER A 177 -11.53 -17.99 8.59
CA SER A 177 -11.84 -18.35 9.95
C SER A 177 -11.47 -19.80 10.24
N GLN A 178 -11.58 -20.16 11.49
CA GLN A 178 -11.23 -21.51 11.90
C GLN A 178 -12.26 -22.47 11.28
N GLY A 179 -13.52 -22.07 11.29
CA GLY A 179 -14.56 -22.91 10.70
C GLY A 179 -14.28 -23.11 9.20
N GLU A 180 -13.87 -22.05 8.51
CA GLU A 180 -13.52 -22.18 7.11
C GLU A 180 -12.35 -23.16 6.87
N GLN A 181 -11.33 -23.05 7.69
CA GLN A 181 -10.20 -23.88 7.53
C GLN A 181 -10.56 -25.36 7.80
N LEU A 182 -11.43 -25.62 8.74
CA LEU A 182 -11.90 -27.01 8.98
C LEU A 182 -12.66 -27.52 7.76
N MET A 183 -13.56 -26.71 7.20
CA MET A 183 -14.28 -27.14 6.02
C MET A 183 -13.37 -27.27 4.77
N ILE A 184 -12.40 -26.36 4.63
CA ILE A 184 -11.46 -26.45 3.51
C ILE A 184 -10.72 -27.77 3.55
N GLY A 185 -10.20 -28.10 4.71
CA GLY A 185 -9.64 -29.41 5.05
C GLY A 185 -10.56 -30.61 4.72
N ARG A 186 -11.83 -30.54 5.19
CA ARG A 186 -12.82 -31.57 4.89
CA ARG A 186 -12.81 -31.60 4.89
C ARG A 186 -12.99 -31.81 3.40
N LYS A 187 -12.95 -30.74 2.63
CA LYS A 187 -13.11 -30.83 1.22
C LYS A 187 -11.86 -31.34 0.48
N GLY A 188 -10.81 -31.68 1.20
CA GLY A 188 -9.65 -32.38 0.64
C GLY A 188 -8.49 -31.45 0.29
N ALA A 189 -8.58 -30.16 0.66
CA ALA A 189 -7.43 -29.28 0.48
C ALA A 189 -6.26 -29.59 1.37
N VAL A 190 -5.04 -29.48 0.85
CA VAL A 190 -3.85 -29.72 1.67
C VAL A 190 -3.04 -28.43 1.92
N GLY A 191 -3.17 -27.48 1.01
CA GLY A 191 -2.35 -26.28 1.16
C GLY A 191 -2.87 -25.22 0.27
N ASP A 192 -2.20 -24.06 0.31
CA ASP A 192 -2.64 -22.93 -0.52
C ASP A 192 -1.48 -22.04 -0.99
N ILE A 193 -1.70 -21.35 -2.10
CA ILE A 193 -0.86 -20.20 -2.54
C ILE A 193 -1.76 -19.03 -2.72
N LEU A 194 -1.53 -17.96 -1.95
CA LEU A 194 -2.28 -16.74 -2.00
C LEU A 194 -3.76 -16.90 -1.71
N GLY A 195 -4.13 -17.88 -0.89
CA GLY A 195 -5.54 -18.11 -0.56
C GLY A 195 -6.27 -19.11 -1.44
N TYR A 196 -5.57 -19.65 -2.48
CA TYR A 196 -6.12 -20.58 -3.43
C TYR A 196 -5.66 -21.94 -2.98
N PHE A 197 -6.63 -22.78 -2.57
CA PHE A 197 -6.33 -24.04 -1.91
C PHE A 197 -6.42 -25.18 -2.94
N PHE A 198 -5.50 -26.09 -2.85
CA PHE A 198 -5.42 -27.29 -3.71
C PHE A 198 -5.32 -28.59 -2.94
N ASP A 199 -5.73 -29.67 -3.62
CA ASP A 199 -5.73 -30.99 -3.01
C ASP A 199 -4.38 -31.63 -3.20
N ALA A 200 -4.23 -32.85 -2.66
CA ALA A 200 -2.94 -33.58 -2.63
C ALA A 200 -2.34 -33.83 -4.00
N LYS A 201 -3.18 -33.86 -5.01
CA LYS A 201 -2.71 -34.06 -6.35
C LYS A 201 -2.37 -32.75 -7.03
N GLY A 202 -2.55 -31.61 -6.34
CA GLY A 202 -2.25 -30.30 -6.89
C GLY A 202 -3.39 -29.62 -7.59
N ASP A 203 -4.59 -30.16 -7.50
CA ASP A 203 -5.70 -29.58 -8.21
C ASP A 203 -6.45 -28.63 -7.27
N VAL A 204 -6.77 -27.47 -7.80
CA VAL A 204 -7.46 -26.45 -7.05
C VAL A 204 -8.84 -27.00 -6.62
N VAL A 205 -9.15 -26.78 -5.39
CA VAL A 205 -10.40 -27.29 -4.86
C VAL A 205 -11.57 -26.41 -5.28
N THR A 206 -12.53 -27.00 -5.98
CA THR A 206 -13.53 -26.22 -6.74
C THR A 206 -14.83 -25.84 -5.99
N ASN A 207 -15.03 -26.22 -4.73
CA ASN A 207 -16.34 -25.93 -4.07
C ASN A 207 -16.10 -25.14 -2.76
N ILE A 208 -15.18 -24.20 -2.83
CA ILE A 208 -14.68 -23.44 -1.71
C ILE A 208 -14.92 -22.00 -2.12
N LYS A 209 -15.73 -21.32 -1.31
CA LYS A 209 -16.27 -20.00 -1.64
C LYS A 209 -15.20 -18.90 -1.64
N ILE A 210 -14.24 -19.01 -0.76
CA ILE A 210 -13.15 -18.03 -0.68
C ILE A 210 -12.47 -17.80 -2.03
N HIS A 211 -12.43 -18.83 -2.87
CA HIS A 211 -11.68 -18.65 -4.12
C HIS A 211 -12.24 -17.54 -4.97
N ASN A 212 -13.55 -17.48 -5.07
CA ASN A 212 -14.23 -16.43 -5.83
C ASN A 212 -14.34 -15.08 -5.12
N GLU A 213 -13.86 -15.02 -3.89
CA GLU A 213 -13.76 -13.77 -3.09
C GLU A 213 -12.34 -13.10 -3.06
N LEU A 214 -11.34 -13.76 -3.59
CA LEU A 214 -9.98 -13.24 -3.63
C LEU A 214 -9.82 -12.29 -4.78
N ILE A 215 -9.13 -11.18 -4.51
CA ILE A 215 -8.97 -10.19 -5.53
C ILE A 215 -7.80 -10.51 -6.43
N GLY A 216 -6.77 -11.11 -5.94
CA GLY A 216 -5.68 -11.33 -6.83
C GLY A 216 -5.73 -12.37 -7.90
N LEU A 217 -4.60 -12.53 -8.58
CA LEU A 217 -4.53 -13.46 -9.72
C LEU A 217 -4.87 -14.86 -9.31
N PRO A 218 -5.65 -15.59 -10.12
CA PRO A 218 -5.78 -17.01 -9.75
C PRO A 218 -4.57 -17.82 -10.15
N LEU A 219 -4.48 -19.01 -9.55
CA LEU A 219 -3.33 -19.85 -9.77
C LEU A 219 -3.15 -20.22 -11.26
N SER A 220 -4.24 -20.35 -11.99
CA SER A 220 -4.11 -20.52 -13.46
C SER A 220 -3.40 -19.37 -14.21
N ALA A 221 -3.57 -18.13 -13.75
CA ALA A 221 -2.90 -16.99 -14.33
C ALA A 221 -1.46 -16.85 -13.81
N LEU A 222 -1.21 -17.28 -12.58
CA LEU A 222 0.09 -17.28 -12.04
C LEU A 222 1.02 -18.10 -12.94
N LYS A 223 0.51 -19.14 -13.57
CA LYS A 223 1.35 -19.98 -14.44
C LYS A 223 1.75 -19.35 -15.73
N THR A 224 1.23 -18.17 -16.07
CA THR A 224 1.81 -17.40 -17.14
C THR A 224 3.28 -17.06 -16.88
N ILE A 225 3.62 -16.73 -15.63
CA ILE A 225 4.95 -16.29 -15.24
C ILE A 225 5.94 -17.45 -15.44
N PRO A 226 7.06 -17.21 -16.11
CA PRO A 226 7.82 -18.44 -16.54
C PRO A 226 8.63 -19.07 -15.49
N VAL A 227 9.08 -18.31 -14.52
CA VAL A 227 9.82 -18.90 -13.40
C VAL A 227 9.08 -18.57 -12.10
N ARG A 228 8.67 -19.60 -11.39
CA ARG A 228 7.80 -19.43 -10.25
C ARG A 228 8.42 -20.19 -9.04
N VAL A 229 8.97 -19.41 -8.16
CA VAL A 229 9.70 -19.92 -7.02
C VAL A 229 8.83 -19.98 -5.75
N GLY A 230 8.79 -21.15 -5.14
CA GLY A 230 8.13 -21.33 -3.84
C GLY A 230 9.25 -21.35 -2.82
N VAL A 231 9.05 -20.67 -1.70
CA VAL A 231 9.98 -20.75 -0.58
C VAL A 231 9.17 -21.12 0.65
N ALA A 232 9.50 -22.26 1.26
CA ALA A 232 8.63 -22.82 2.27
C ALA A 232 9.38 -23.96 2.93
N GLY A 233 9.21 -24.07 4.24
CA GLY A 233 9.76 -25.19 5.00
C GLY A 233 8.94 -25.56 6.22
N GLY A 234 9.43 -26.60 6.90
CA GLY A 234 8.77 -27.22 8.06
C GLY A 234 8.15 -28.50 7.58
N GLU A 235 8.39 -29.63 8.27
CA GLU A 235 7.87 -30.91 7.78
C GLU A 235 6.37 -30.86 7.64
N ASN A 236 5.70 -30.10 8.52
CA ASN A 236 4.25 -29.98 8.37
C ASN A 236 3.78 -29.40 7.00
N LYS A 237 4.66 -28.74 6.26
CA LYS A 237 4.30 -28.27 4.89
C LYS A 237 4.58 -29.28 3.74
N ALA A 238 5.15 -30.43 4.06
CA ALA A 238 5.68 -31.31 2.99
C ALA A 238 4.64 -31.70 1.96
N GLU A 239 3.45 -32.05 2.45
CA GLU A 239 2.40 -32.51 1.59
C GLU A 239 1.92 -31.33 0.74
N ALA A 240 1.83 -30.17 1.35
CA ALA A 240 1.39 -29.02 0.60
C ALA A 240 2.42 -28.62 -0.49
N ILE A 241 3.69 -28.64 -0.15
CA ILE A 241 4.73 -28.24 -1.11
C ILE A 241 4.83 -29.21 -2.29
N ALA A 242 4.76 -30.52 -2.02
CA ALA A 242 4.64 -31.51 -3.08
C ALA A 242 3.48 -31.24 -4.02
N ALA A 243 2.31 -31.01 -3.44
CA ALA A 243 1.10 -30.77 -4.18
C ALA A 243 1.20 -29.49 -5.02
N ALA A 244 1.87 -28.48 -4.44
CA ALA A 244 2.09 -27.21 -5.20
C ALA A 244 2.88 -27.47 -6.48
N MET A 245 3.86 -28.35 -6.39
CA MET A 245 4.73 -28.67 -7.54
C MET A 245 4.00 -29.57 -8.49
N LYS A 246 3.23 -30.53 -7.99
CA LYS A 246 2.43 -31.39 -8.86
C LYS A 246 1.40 -30.63 -9.60
N GLY A 247 0.85 -29.57 -9.00
CA GLY A 247 -0.08 -28.73 -9.75
C GLY A 247 0.56 -27.75 -10.70
N GLY A 248 1.87 -27.59 -10.61
CA GLY A 248 2.56 -26.71 -11.53
C GLY A 248 2.57 -25.24 -11.17
N TYR A 249 2.11 -24.95 -9.98
CA TYR A 249 2.02 -23.57 -9.55
C TYR A 249 3.42 -23.00 -9.35
N ILE A 250 4.34 -23.77 -8.77
CA ILE A 250 5.71 -23.41 -8.71
C ILE A 250 6.54 -24.39 -9.55
N ASN A 251 7.59 -23.89 -10.19
CA ASN A 251 8.52 -24.74 -10.93
C ASN A 251 9.93 -24.58 -10.42
N ALA A 252 10.03 -24.00 -9.24
CA ALA A 252 11.33 -23.88 -8.56
C ALA A 252 11.00 -23.83 -7.05
N LEU A 253 11.92 -24.31 -6.27
CA LEU A 253 11.69 -24.48 -4.84
C LEU A 253 12.95 -24.13 -4.06
N VAL A 254 12.72 -23.44 -2.94
CA VAL A 254 13.65 -23.29 -1.88
C VAL A 254 13.04 -23.85 -0.58
N THR A 255 13.73 -24.82 0.01
CA THR A 255 13.20 -25.45 1.21
C THR A 255 14.38 -25.99 2.04
N ASP A 256 14.07 -26.65 3.18
CA ASP A 256 15.09 -27.12 4.11
C ASP A 256 15.19 -28.67 3.98
N GLN A 257 16.28 -29.18 4.51
CA GLN A 257 16.64 -30.58 4.39
C GLN A 257 15.62 -31.53 4.94
N ASP A 258 15.08 -31.25 6.12
CA ASP A 258 14.09 -32.20 6.68
C ASP A 258 12.83 -32.19 5.85
N THR A 259 12.44 -31.01 5.35
CA THR A 259 11.20 -30.94 4.59
C THR A 259 11.36 -31.68 3.25
N ALA A 260 12.52 -31.50 2.67
CA ALA A 260 12.91 -32.10 1.38
C ALA A 260 12.80 -33.62 1.48
N ALA A 261 13.37 -34.12 2.57
CA ALA A 261 13.25 -35.57 2.88
C ALA A 261 11.82 -35.96 2.93
N ALA A 262 11.01 -35.16 3.65
CA ALA A 262 9.59 -35.51 3.80
C ALA A 262 8.83 -35.43 2.51
N ILE A 263 9.14 -34.44 1.66
CA ILE A 263 8.46 -34.34 0.40
C ILE A 263 8.76 -35.55 -0.46
N LEU A 264 10.02 -35.97 -0.43
CA LEU A 264 10.48 -37.02 -1.35
C LEU A 264 9.78 -38.35 -1.00
N ARG A 265 9.57 -38.54 0.30
CA ARG A 265 8.83 -39.74 0.79
C ARG A 265 7.31 -39.63 0.68
N SER A 266 6.79 -38.45 0.37
CA SER A 266 5.35 -38.26 0.38
C SER A 266 4.83 -38.88 -0.90
N PHE B 17 6.22 47.99 5.62
CA PHE B 17 7.21 46.90 5.90
C PHE B 17 6.76 45.42 5.56
N GLU B 18 6.38 44.63 6.58
CA GLU B 18 5.92 43.21 6.49
C GLU B 18 6.95 42.08 6.88
N GLY B 19 7.41 41.24 5.95
CA GLY B 19 8.15 40.00 6.26
C GLY B 19 7.37 38.75 6.79
N CYS B 20 8.05 37.61 6.81
CA CYS B 20 7.45 36.34 7.15
C CYS B 20 6.87 36.31 8.56
N LEU B 21 7.52 36.97 9.50
CA LEU B 21 7.02 36.94 10.89
C LEU B 21 5.67 37.70 10.99
N GLU B 22 5.57 38.81 10.30
CA GLU B 22 4.30 39.55 10.23
C GLU B 22 3.22 38.72 9.52
N TYR B 23 3.61 38.05 8.44
CA TYR B 23 2.66 37.26 7.71
C TYR B 23 2.17 36.13 8.56
N GLU B 24 3.06 35.50 9.31
CA GLU B 24 2.60 34.49 10.27
C GLU B 24 1.60 35.01 11.29
N THR B 25 1.95 36.13 11.94
CA THR B 25 1.05 36.75 12.93
C THR B 25 -0.32 37.02 12.31
N GLN B 26 -0.35 37.65 11.13
CA GLN B 26 -1.61 38.01 10.49
C GLN B 26 -2.46 36.80 10.08
N LEU B 27 -1.77 35.82 9.50
CA LEU B 27 -2.47 34.58 9.14
C LEU B 27 -3.08 33.89 10.37
N ARG B 28 -2.28 33.80 11.44
CA ARG B 28 -2.70 33.20 12.70
C ARG B 28 -3.96 33.89 13.22
N ARG B 29 -3.94 35.21 13.24
CA ARG B 29 -5.15 35.93 13.78
C ARG B 29 -6.31 35.92 12.82
N GLN B 30 -6.02 36.15 11.57
CA GLN B 30 -7.08 36.22 10.56
C GLN B 30 -7.86 34.92 10.40
N PHE B 31 -7.20 33.79 10.40
CA PHE B 31 -7.87 32.51 10.23
C PHE B 31 -7.96 31.70 11.53
N SER B 32 -7.69 32.34 12.68
CA SER B 32 -7.64 31.61 13.98
C SER B 32 -6.92 30.28 13.97
N LEU B 33 -5.67 30.29 13.51
CA LEU B 33 -4.89 29.10 13.45
C LEU B 33 -4.22 28.83 14.77
N GLN B 34 -3.94 27.57 15.00
CA GLN B 34 -3.14 27.16 16.13
C GLN B 34 -1.62 27.29 15.94
N HIS B 35 -1.14 27.07 14.70
CA HIS B 35 0.29 27.09 14.38
C HIS B 35 0.41 27.54 12.90
N VAL B 36 1.45 28.28 12.62
CA VAL B 36 1.69 28.75 11.25
C VAL B 36 3.19 28.93 11.04
N ARG B 37 3.65 28.60 9.85
CA ARG B 37 5.01 28.86 9.43
C ARG B 37 4.98 29.38 8.02
N VAL B 38 5.68 30.49 7.80
CA VAL B 38 5.78 31.05 6.49
C VAL B 38 7.29 31.08 6.18
N ILE B 39 7.69 30.40 5.09
CA ILE B 39 9.10 30.32 4.69
C ILE B 39 9.40 31.38 3.63
N PRO B 40 10.64 31.95 3.65
CA PRO B 40 11.00 33.04 2.77
C PRO B 40 10.93 32.67 1.28
N GLY B 41 10.57 33.62 0.41
CA GLY B 41 10.42 33.42 -1.07
C GLY B 41 11.71 33.11 -1.89
N LEU B 42 12.81 33.81 -1.59
CA LEU B 42 14.10 33.56 -2.29
C LEU B 42 14.38 32.11 -2.74
N ALA B 45 17.06 25.81 -2.24
CA ALA B 45 16.60 27.14 -2.66
C ALA B 45 15.21 27.08 -3.35
N ASP B 46 14.76 25.86 -3.74
CA ASP B 46 13.45 25.62 -4.41
C ASP B 46 12.33 25.13 -3.44
N VAL B 47 11.09 25.56 -3.73
CA VAL B 47 10.07 25.73 -2.68
C VAL B 47 9.40 24.45 -2.15
N GLY B 48 9.08 23.46 -2.99
CA GLY B 48 8.35 22.30 -2.50
C GLY B 48 9.13 21.44 -1.51
N GLY B 49 10.47 21.54 -1.64
CA GLY B 49 11.47 20.88 -0.79
C GLY B 49 11.58 21.69 0.49
N ARG B 50 11.65 23.00 0.35
CA ARG B 50 11.74 23.84 1.56
C ARG B 50 10.43 23.83 2.35
N LEU B 51 9.30 23.69 1.69
CA LEU B 51 7.96 23.53 2.38
C LEU B 51 7.99 22.25 3.19
N GLY B 52 8.56 21.20 2.59
CA GLY B 52 8.65 19.95 3.29
C GLY B 52 9.52 20.02 4.53
N ILE B 53 10.62 20.72 4.42
CA ILE B 53 11.46 20.89 5.59
C ILE B 53 10.73 21.63 6.72
N GLY B 54 10.07 22.70 6.35
CA GLY B 54 9.35 23.52 7.30
C GLY B 54 8.19 22.78 7.94
N ALA B 55 7.48 21.98 7.17
CA ALA B 55 6.33 21.24 7.71
C ALA B 55 6.83 20.12 8.56
N ALA B 56 7.96 19.50 8.20
CA ALA B 56 8.49 18.45 9.08
C ALA B 56 8.93 19.07 10.40
N HIS B 57 9.46 20.28 10.35
CA HIS B 57 9.93 20.89 11.60
C HIS B 57 8.75 21.25 12.52
N MET B 58 7.66 21.72 11.93
CA MET B 58 6.45 21.99 12.68
C MET B 58 5.91 20.70 13.25
N LEU B 59 5.82 19.66 12.42
CA LEU B 59 5.28 18.38 12.98
C LEU B 59 6.16 17.81 14.10
N MET B 60 7.45 18.05 13.99
CA MET B 60 8.38 17.56 15.03
C MET B 60 8.08 18.23 16.37
N SER B 61 7.60 19.45 16.37
CA SER B 61 7.36 20.09 17.62
C SER B 61 5.96 19.80 18.11
N LEU B 62 5.10 19.19 17.31
CA LEU B 62 3.73 18.93 17.74
C LEU B 62 3.44 17.48 18.16
N LEU B 63 4.25 16.59 17.68
CA LEU B 63 3.96 15.19 17.86
C LEU B 63 4.74 14.71 19.07
N GLN B 64 4.03 14.08 19.99
CA GLN B 64 4.62 13.35 21.14
C GLN B 64 4.91 11.89 20.84
N PRO B 65 5.75 11.24 21.66
CA PRO B 65 6.11 9.87 21.23
C PRO B 65 4.91 8.96 21.18
N GLN B 66 4.90 8.04 20.22
CA GLN B 66 3.80 7.08 20.00
C GLN B 66 2.46 7.68 19.54
N GLN B 67 2.44 8.95 19.19
CA GLN B 67 1.19 9.54 18.69
C GLN B 67 1.01 9.11 17.28
N MET B 68 -0.16 9.42 16.78
CA MET B 68 -0.63 8.95 15.48
C MET B 68 -0.81 10.13 14.50
N LEU B 69 -0.15 10.04 13.36
CA LEU B 69 -0.21 11.09 12.33
C LEU B 69 -0.98 10.54 11.11
N ALA B 70 -2.07 11.17 10.78
CA ALA B 70 -2.86 10.91 9.58
C ALA B 70 -2.25 11.69 8.44
N ILE B 71 -2.04 11.01 7.30
CA ILE B 71 -1.36 11.65 6.15
C ILE B 71 -2.24 11.63 4.90
N GLY B 72 -2.19 12.69 4.12
CA GLY B 72 -2.75 12.74 2.83
C GLY B 72 -1.68 12.58 1.76
N PHE B 73 -2.07 12.61 0.50
CA PHE B 73 -1.07 12.33 -0.55
C PHE B 73 -0.72 13.65 -1.27
N GLY B 74 0.09 13.55 -2.34
CA GLY B 74 0.56 14.73 -2.99
C GLY B 74 2.03 15.03 -2.72
N GLU B 75 2.59 15.93 -3.53
CA GLU B 75 4.02 16.18 -3.42
C GLU B 75 4.48 16.82 -2.14
N ALA B 76 3.75 17.84 -1.65
CA ALA B 76 4.15 18.51 -0.46
C ALA B 76 4.07 17.58 0.78
N THR B 77 3.02 16.78 0.91
CA THR B 77 2.98 15.81 1.99
C THR B 77 4.07 14.74 1.86
N MET B 78 4.36 14.26 0.66
CA MET B 78 5.32 13.18 0.52
C MET B 78 6.73 13.73 0.82
N ASN B 79 6.98 14.97 0.46
CA ASN B 79 8.26 15.60 0.81
CA ASN B 79 8.26 15.62 0.80
C ASN B 79 8.37 15.77 2.29
N THR B 80 7.28 16.16 2.95
CA THR B 80 7.29 16.32 4.37
C THR B 80 7.62 15.00 5.08
N LEU B 81 7.02 13.92 4.61
CA LEU B 81 7.21 12.62 5.27
C LEU B 81 8.64 12.14 5.10
N GLN B 82 9.19 12.34 3.94
CA GLN B 82 10.59 12.00 3.70
C GLN B 82 11.45 12.72 4.76
N ARG B 83 11.28 14.01 4.93
CA ARG B 83 12.07 14.71 5.96
C ARG B 83 11.79 14.32 7.41
N LEU B 84 10.67 13.68 7.67
CA LEU B 84 10.25 13.37 9.04
C LEU B 84 10.63 11.93 9.37
N SER B 85 11.21 11.24 8.40
CA SER B 85 11.33 9.78 8.55
C SER B 85 12.23 9.41 9.74
N GLY B 86 13.28 10.15 9.98
CA GLY B 86 14.12 9.78 11.15
C GLY B 86 13.34 9.94 12.42
N PHE B 87 12.59 11.04 12.55
CA PHE B 87 11.76 11.34 13.71
C PHE B 87 10.61 10.36 13.88
N ILE B 88 9.97 9.97 12.78
CA ILE B 88 8.93 8.97 12.88
C ILE B 88 9.46 7.67 13.52
N SER B 89 10.65 7.29 13.07
CA SER B 89 11.35 6.10 13.57
C SER B 89 11.69 6.18 15.05
N SER B 90 12.36 7.24 15.50
CA SER B 90 12.83 7.36 16.90
C SER B 90 11.72 7.64 17.88
N GLN B 91 10.70 8.35 17.44
CA GLN B 91 9.59 8.61 18.33
C GLN B 91 8.45 7.59 18.16
N GLN B 92 8.61 6.61 17.30
CA GLN B 92 7.59 5.56 17.16
C GLN B 92 6.20 6.14 16.85
N ILE B 93 6.20 7.05 15.90
CA ILE B 93 4.98 7.70 15.42
C ILE B 93 4.25 6.67 14.52
N ARG B 94 2.96 6.51 14.73
CA ARG B 94 2.14 5.63 13.92
C ARG B 94 1.51 6.45 12.79
N LEU B 95 1.67 5.98 11.57
CA LEU B 95 1.09 6.63 10.41
C LEU B 95 -0.15 5.92 9.95
N VAL B 96 -1.12 6.69 9.48
CA VAL B 96 -2.32 6.20 8.89
C VAL B 96 -2.74 7.07 7.67
N THR B 97 -3.10 6.42 6.57
CA THR B 97 -3.61 7.09 5.40
C THR B 97 -4.99 7.70 5.56
N LEU B 98 -5.21 8.93 5.05
CA LEU B 98 -6.53 9.51 5.08
C LEU B 98 -7.36 9.14 3.87
N SER B 99 -6.74 8.63 2.81
CA SER B 99 -7.47 8.25 1.62
C SER B 99 -7.04 6.89 1.11
N GLY B 100 -7.80 6.36 0.16
CA GLY B 100 -7.34 5.20 -0.61
C GLY B 100 -6.26 5.61 -1.60
N GLY B 101 -5.81 4.62 -2.39
N GLY B 101 -5.81 4.64 -2.41
CA GLY B 101 -4.91 4.87 -3.48
CA GLY B 101 -4.83 4.92 -3.45
C GLY B 101 -3.62 4.11 -3.32
C GLY B 101 -3.41 4.70 -2.94
N VAL B 102 -3.30 3.70 -2.10
CA VAL B 102 -2.08 3.01 -1.82
C VAL B 102 -0.77 3.57 -2.47
N GLY B 103 -0.63 3.34 -3.77
CA GLY B 103 0.50 3.83 -4.53
C GLY B 103 0.79 5.30 -4.49
N SER B 104 -0.22 6.16 -4.31
CA SER B 104 -0.03 7.57 -4.17
C SER B 104 0.84 7.87 -2.95
N TYR B 105 0.87 7.00 -1.94
CA TYR B 105 1.64 7.22 -0.72
C TYR B 105 3.06 6.61 -0.70
N MET B 106 3.43 5.85 -1.72
CA MET B 106 4.69 5.10 -1.67
C MET B 106 5.96 5.94 -1.70
N THR B 107 6.00 7.03 -2.44
CA THR B 107 7.22 7.84 -2.42
C THR B 107 7.50 8.33 -1.01
N GLY B 108 6.47 8.49 -0.18
CA GLY B 108 6.63 8.98 1.19
C GLY B 108 6.97 7.86 2.15
N ILE B 109 6.20 6.78 2.11
CA ILE B 109 6.35 5.75 3.16
C ILE B 109 7.49 4.79 2.78
N GLY B 110 7.81 4.73 1.47
CA GLY B 110 9.00 4.00 0.95
C GLY B 110 10.28 4.39 1.65
N GLN B 111 10.34 5.63 2.15
CA GLN B 111 11.56 6.14 2.83
C GLN B 111 11.74 5.67 4.26
N LEU B 112 10.74 5.04 4.86
CA LEU B 112 10.81 4.69 6.26
C LEU B 112 11.47 3.33 6.44
N ASN B 113 11.83 3.01 7.68
CA ASN B 113 12.36 1.69 7.96
C ASN B 113 11.19 0.74 8.22
N ALA B 114 11.47 -0.55 8.20
CA ALA B 114 10.42 -1.56 8.31
C ALA B 114 9.81 -1.73 9.70
N ALA B 115 10.45 -1.26 10.78
CA ALA B 115 9.79 -1.30 12.11
C ALA B 115 8.72 -0.19 12.25
N CYS B 116 8.64 0.72 11.26
CA CYS B 116 7.59 1.76 11.24
C CYS B 116 6.17 1.21 11.12
N SER B 117 5.28 1.71 11.97
CA SER B 117 3.88 1.36 12.02
C SER B 117 3.08 2.19 10.93
N VAL B 118 2.55 1.49 9.93
CA VAL B 118 1.94 2.19 8.78
C VAL B 118 0.61 1.55 8.44
N ASN B 119 -0.48 2.29 8.61
CA ASN B 119 -1.81 1.74 8.45
C ASN B 119 -2.43 2.31 7.16
N ILE B 120 -2.61 1.48 6.15
CA ILE B 120 -2.99 1.95 4.78
C ILE B 120 -4.38 1.51 4.39
N ILE B 121 -5.23 2.41 3.91
CA ILE B 121 -6.50 2.02 3.39
C ILE B 121 -6.36 1.11 2.15
N PRO B 122 -6.85 -0.16 2.23
CA PRO B 122 -6.56 -1.12 1.12
C PRO B 122 -7.66 -1.02 0.06
N ALA B 123 -7.64 0.10 -0.64
CA ALA B 123 -8.68 0.42 -1.59
C ALA B 123 -8.21 1.48 -2.53
N PRO B 124 -8.89 1.60 -3.68
CA PRO B 124 -8.61 2.73 -4.54
C PRO B 124 -8.98 4.10 -3.90
N LEU B 125 -8.47 5.17 -4.47
CA LEU B 125 -8.79 6.50 -4.01
C LEU B 125 -10.22 6.78 -4.33
N ARG B 126 -10.60 6.51 -5.58
CA ARG B 126 -11.90 6.80 -6.14
C ARG B 126 -12.48 5.56 -6.83
N ALA B 127 -13.66 5.15 -6.45
CA ALA B 127 -14.41 4.08 -7.10
C ALA B 127 -15.08 4.56 -8.41
N SER B 128 -15.40 3.61 -9.30
CA SER B 128 -16.14 3.94 -10.53
C SER B 128 -17.59 4.38 -10.30
N SER B 129 -18.18 4.14 -9.15
CA SER B 129 -19.52 4.60 -8.89
C SER B 129 -19.67 4.78 -7.37
N ALA B 130 -20.68 5.50 -6.97
CA ALA B 130 -20.94 5.76 -5.58
C ALA B 130 -21.38 4.52 -4.84
N ASP B 131 -22.09 3.61 -5.52
CA ASP B 131 -22.52 2.38 -4.90
C ASP B 131 -21.26 1.54 -4.59
N ILE B 132 -20.33 1.55 -5.51
CA ILE B 132 -19.09 0.81 -5.28
C ILE B 132 -18.27 1.43 -4.16
N ALA B 133 -18.16 2.76 -4.11
CA ALA B 133 -17.50 3.38 -2.94
C ALA B 133 -18.13 2.98 -1.58
N ARG B 134 -19.44 3.10 -1.51
CA ARG B 134 -20.19 2.74 -0.28
C ARG B 134 -19.92 1.25 0.11
N THR B 135 -19.96 0.36 -0.87
CA THR B 135 -19.57 -1.04 -0.62
C THR B 135 -18.17 -1.17 -0.02
N LEU B 136 -17.19 -0.50 -0.64
CA LEU B 136 -15.81 -0.64 -0.16
C LEU B 136 -15.65 -0.03 1.21
N LYS B 137 -16.29 1.10 1.49
CA LYS B 137 -16.26 1.69 2.85
C LYS B 137 -16.82 0.76 3.90
N ASN B 138 -17.72 -0.17 3.54
CA ASN B 138 -18.23 -1.14 4.52
C ASN B 138 -17.46 -2.45 4.62
N GLU B 139 -16.42 -2.67 3.78
CA GLU B 139 -15.57 -3.84 3.95
C GLU B 139 -14.80 -3.71 5.28
N ASN B 140 -14.77 -4.75 6.11
CA ASN B 140 -14.05 -4.70 7.43
C ASN B 140 -12.66 -4.11 7.41
N CYS B 141 -11.82 -4.56 6.46
CA CYS B 141 -10.45 -4.08 6.42
C CYS B 141 -10.36 -2.56 6.05
N VAL B 142 -11.33 -2.02 5.34
CA VAL B 142 -11.37 -0.58 5.01
C VAL B 142 -11.92 0.22 6.20
N LYS B 143 -13.02 -0.22 6.76
CA LYS B 143 -13.69 0.50 7.83
C LYS B 143 -12.82 0.66 9.06
N ASP B 144 -12.03 -0.35 9.39
CA ASP B 144 -11.05 -0.34 10.50
C ASP B 144 -10.05 0.82 10.33
N VAL B 145 -9.51 0.93 9.13
CA VAL B 145 -8.54 1.99 8.84
C VAL B 145 -9.21 3.34 8.76
N LEU B 146 -10.41 3.46 8.22
CA LEU B 146 -11.12 4.75 8.25
C LEU B 146 -11.28 5.23 9.70
N LEU B 147 -11.59 4.32 10.62
CA LEU B 147 -11.73 4.71 12.01
C LEU B 147 -10.42 5.07 12.61
N ALA B 148 -9.38 4.27 12.33
CA ALA B 148 -8.07 4.64 12.84
C ALA B 148 -7.68 6.05 12.39
N ALA B 149 -7.90 6.35 11.12
CA ALA B 149 -7.58 7.70 10.62
C ALA B 149 -8.29 8.83 11.33
N GLN B 150 -9.58 8.67 11.56
CA GLN B 150 -10.34 9.67 12.23
C GLN B 150 -9.89 9.89 13.68
N ALA B 151 -9.29 8.86 14.29
CA ALA B 151 -8.80 8.93 15.67
C ALA B 151 -7.40 9.53 15.81
N ALA B 152 -6.76 9.94 14.72
CA ALA B 152 -5.38 10.45 14.80
C ALA B 152 -5.22 11.70 15.64
N ASP B 153 -4.00 11.89 16.11
CA ASP B 153 -3.68 13.08 16.97
C ASP B 153 -3.43 14.32 16.12
N VAL B 154 -2.87 14.09 14.94
CA VAL B 154 -2.44 15.17 14.05
C VAL B 154 -2.61 14.66 12.62
N ALA B 155 -2.96 15.56 11.70
CA ALA B 155 -3.02 15.30 10.33
C ALA B 155 -2.07 16.24 9.53
N ILE B 156 -1.59 15.70 8.46
CA ILE B 156 -0.84 16.48 7.48
C ILE B 156 -1.42 16.29 6.08
N VAL B 157 -1.87 17.38 5.43
CA VAL B 157 -2.50 17.29 4.06
C VAL B 157 -1.96 18.38 3.14
N GLY B 158 -2.04 18.12 1.84
CA GLY B 158 -1.82 19.16 0.81
C GLY B 158 -3.15 19.74 0.41
N ILE B 159 -3.10 20.86 -0.32
CA ILE B 159 -4.28 21.54 -0.82
C ILE B 159 -4.04 21.77 -2.33
N GLY B 160 -5.02 21.36 -3.09
CA GLY B 160 -5.03 21.47 -4.60
C GLY B 160 -5.93 22.61 -4.95
N ALA B 161 -5.61 23.27 -6.06
CA ALA B 161 -6.42 24.40 -6.49
C ALA B 161 -6.95 24.19 -7.93
N VAL B 162 -8.19 24.55 -8.18
CA VAL B 162 -8.78 24.45 -9.53
C VAL B 162 -7.99 25.30 -10.51
N SER B 163 -7.48 26.41 -10.03
CA SER B 163 -6.74 27.28 -10.89
C SER B 163 -5.38 26.70 -11.36
N GLN B 164 -4.88 25.63 -10.74
CA GLN B 164 -3.69 24.89 -11.33
C GLN B 164 -3.98 24.15 -12.63
N GLN B 165 -5.26 23.94 -12.95
CA GLN B 165 -5.64 23.24 -14.17
C GLN B 165 -4.88 21.91 -14.34
N ASP B 166 -4.20 21.71 -15.51
CA ASP B 166 -3.51 20.41 -15.80
C ASP B 166 -2.33 20.17 -14.89
N ASP B 167 -1.87 21.21 -14.21
CA ASP B 167 -0.77 20.98 -13.27
C ASP B 167 -1.18 20.44 -11.89
N ALA B 168 -2.47 20.35 -11.59
CA ALA B 168 -2.93 19.88 -10.26
C ALA B 168 -2.48 18.44 -10.13
N THR B 169 -2.01 18.06 -8.98
CA THR B 169 -1.70 16.65 -8.74
C THR B 169 -2.88 15.69 -8.97
N ILE B 170 -4.09 16.12 -8.64
CA ILE B 170 -5.27 15.26 -8.78
C ILE B 170 -5.55 14.92 -10.26
N ILE B 171 -5.23 15.83 -11.17
CA ILE B 171 -5.31 15.57 -12.61
C ILE B 171 -4.09 14.78 -13.08
N ARG B 172 -2.88 15.23 -12.73
CA ARG B 172 -1.64 14.55 -13.15
C ARG B 172 -1.61 13.07 -12.76
N SER B 173 -2.19 12.72 -11.63
CA SER B 173 -2.35 11.39 -11.21
C SER B 173 -3.55 10.69 -11.77
N GLY B 174 -4.39 11.32 -12.58
CA GLY B 174 -5.41 10.55 -13.28
C GLY B 174 -6.66 10.28 -12.43
N TYR B 175 -6.81 10.97 -11.32
CA TYR B 175 -7.95 10.70 -10.44
C TYR B 175 -9.24 11.40 -10.92
N ILE B 176 -9.09 12.53 -11.59
CA ILE B 176 -10.20 13.24 -12.24
C ILE B 176 -9.82 13.56 -13.69
N SER B 177 -10.81 13.68 -14.56
CA SER B 177 -10.59 14.05 -15.95
C SER B 177 -10.60 15.58 -16.15
N GLN B 178 -10.10 16.06 -17.28
CA GLN B 178 -10.07 17.49 -17.58
C GLN B 178 -11.53 18.00 -17.57
N GLY B 179 -12.40 17.18 -18.15
CA GLY B 179 -13.84 17.50 -18.25
C GLY B 179 -14.42 17.73 -16.88
N GLU B 180 -14.11 16.79 -16.00
CA GLU B 180 -14.54 16.88 -14.60
C GLU B 180 -14.00 18.09 -13.93
N GLN B 181 -12.75 18.37 -14.15
CA GLN B 181 -12.17 19.56 -13.54
C GLN B 181 -12.86 20.86 -14.02
N LEU B 182 -13.12 20.94 -15.30
CA LEU B 182 -13.90 22.04 -15.87
C LEU B 182 -15.25 22.23 -15.21
N MET B 183 -16.01 21.16 -15.07
CA MET B 183 -17.32 21.27 -14.48
C MET B 183 -17.27 21.56 -12.97
N ILE B 184 -16.24 21.02 -12.32
CA ILE B 184 -16.05 21.31 -10.89
C ILE B 184 -15.79 22.81 -10.72
N GLY B 185 -14.97 23.38 -11.58
CA GLY B 185 -14.76 24.84 -11.60
C GLY B 185 -16.02 25.63 -11.89
N ARG B 186 -16.85 25.15 -12.83
CA ARG B 186 -18.09 25.82 -13.18
CA ARG B 186 -18.08 25.85 -13.18
C ARG B 186 -19.05 25.85 -12.00
N LYS B 187 -19.05 24.78 -11.24
CA LYS B 187 -19.92 24.68 -10.09
C LYS B 187 -19.43 25.43 -8.83
N GLY B 188 -18.38 26.20 -8.99
CA GLY B 188 -17.94 27.15 -7.95
C GLY B 188 -16.78 26.65 -7.03
N ALA B 189 -16.25 25.44 -7.25
CA ALA B 189 -15.11 24.97 -6.44
C ALA B 189 -13.90 25.78 -6.72
N VAL B 190 -13.06 25.98 -5.69
CA VAL B 190 -11.70 26.59 -5.86
C VAL B 190 -10.54 25.68 -5.52
N GLY B 191 -10.79 24.68 -4.74
CA GLY B 191 -9.76 23.74 -4.39
C GLY B 191 -10.30 22.54 -3.71
N ASP B 192 -9.36 21.69 -3.29
CA ASP B 192 -9.73 20.44 -2.67
C ASP B 192 -8.71 19.99 -1.65
N ILE B 193 -9.16 19.13 -0.75
CA ILE B 193 -8.31 18.31 0.10
C ILE B 193 -8.80 16.90 -0.06
N LEU B 194 -7.92 16.03 -0.54
CA LEU B 194 -8.13 14.59 -0.70
C LEU B 194 -9.24 14.23 -1.70
N GLY B 195 -9.49 15.12 -2.68
CA GLY B 195 -10.50 14.91 -3.69
C GLY B 195 -11.83 15.58 -3.35
N TYR B 196 -11.97 16.14 -2.15
CA TYR B 196 -13.20 16.81 -1.74
C TYR B 196 -13.01 18.35 -1.97
N PHE B 197 -13.85 18.89 -2.85
CA PHE B 197 -13.73 20.19 -3.43
C PHE B 197 -14.68 21.13 -2.68
N PHE B 198 -14.18 22.29 -2.34
CA PHE B 198 -14.93 23.34 -1.68
C PHE B 198 -14.88 24.69 -2.42
N ASP B 199 -15.88 25.53 -2.16
CA ASP B 199 -16.01 26.77 -2.82
C ASP B 199 -15.21 27.84 -2.02
N ALA B 200 -15.22 29.10 -2.48
CA ALA B 200 -14.38 30.13 -1.86
C ALA B 200 -14.71 30.44 -0.36
N LYS B 201 -15.91 30.16 0.11
CA LYS B 201 -16.26 30.34 1.52
C LYS B 201 -15.85 29.16 2.35
N GLY B 202 -15.34 28.09 1.72
CA GLY B 202 -14.85 26.94 2.46
C GLY B 202 -15.87 25.86 2.53
N ASP B 203 -17.02 25.99 1.82
CA ASP B 203 -18.01 24.92 1.90
C ASP B 203 -17.89 23.87 0.82
N VAL B 204 -18.03 22.59 1.20
CA VAL B 204 -17.86 21.52 0.23
C VAL B 204 -18.94 21.65 -0.83
N VAL B 205 -18.56 21.47 -2.08
CA VAL B 205 -19.51 21.66 -3.12
C VAL B 205 -20.39 20.44 -3.28
N THR B 206 -21.72 20.62 -3.25
CA THR B 206 -22.61 19.49 -2.98
C THR B 206 -23.06 18.73 -4.22
N ASN B 207 -22.91 19.27 -5.41
CA ASN B 207 -23.51 18.60 -6.58
C ASN B 207 -22.43 18.01 -7.49
N ILE B 208 -21.37 17.45 -6.89
CA ILE B 208 -20.20 16.91 -7.57
C ILE B 208 -20.11 15.40 -7.26
N LYS B 209 -20.18 14.55 -8.28
CA LYS B 209 -20.24 13.14 -8.05
C LYS B 209 -18.96 12.51 -7.57
N ILE B 210 -17.79 13.09 -7.85
CA ILE B 210 -16.57 12.50 -7.31
C ILE B 210 -16.66 12.36 -5.80
N HIS B 211 -17.37 13.25 -5.08
CA HIS B 211 -17.42 13.15 -3.60
C HIS B 211 -17.96 11.85 -3.10
N ASN B 212 -19.03 11.38 -3.68
CA ASN B 212 -19.59 10.12 -3.20
C ASN B 212 -18.89 8.89 -3.74
N GLU B 213 -17.85 9.09 -4.57
CA GLU B 213 -17.11 7.98 -5.10
C GLU B 213 -15.76 7.78 -4.34
N LEU B 214 -15.40 8.73 -3.49
CA LEU B 214 -14.11 8.65 -2.80
C LEU B 214 -14.21 7.67 -1.65
N ILE B 215 -13.14 6.90 -1.43
CA ILE B 215 -13.17 5.90 -0.36
C ILE B 215 -12.82 6.49 0.98
N GLY B 216 -11.88 7.45 1.02
CA GLY B 216 -11.40 7.91 2.30
C GLY B 216 -12.33 8.78 3.14
N LEU B 217 -11.84 9.19 4.29
CA LEU B 217 -12.61 10.03 5.17
C LEU B 217 -13.14 11.29 4.49
N PRO B 218 -14.42 11.67 4.72
CA PRO B 218 -14.81 13.00 4.26
C PRO B 218 -14.23 14.14 5.10
N LEU B 219 -14.24 15.33 4.55
CA LEU B 219 -13.72 16.47 5.26
C LEU B 219 -14.36 16.66 6.68
N SER B 220 -15.66 16.41 6.80
CA SER B 220 -16.34 16.52 8.08
C SER B 220 -15.73 15.60 9.14
N ALA B 221 -15.25 14.40 8.78
CA ALA B 221 -14.62 13.50 9.71
C ALA B 221 -13.14 13.84 9.94
N LEU B 222 -12.49 14.41 8.95
CA LEU B 222 -11.16 14.98 9.12
C LEU B 222 -11.11 15.97 10.28
N LYS B 223 -12.20 16.74 10.48
CA LYS B 223 -12.20 17.79 11.50
C LYS B 223 -12.19 17.22 12.92
N THR B 224 -12.38 15.93 13.07
CA THR B 224 -12.24 15.28 14.38
C THR B 224 -10.81 15.37 14.88
N ILE B 225 -9.84 15.33 13.98
CA ILE B 225 -8.45 15.33 14.32
C ILE B 225 -8.11 16.71 14.89
N PRO B 226 -7.53 16.76 16.09
CA PRO B 226 -7.39 18.07 16.75
C PRO B 226 -6.45 19.02 16.12
N VAL B 227 -5.37 18.53 15.52
CA VAL B 227 -4.43 19.45 14.89
C VAL B 227 -4.28 18.99 13.43
N ARG B 228 -4.59 19.91 12.50
CA ARG B 228 -4.78 19.60 11.07
C ARG B 228 -3.91 20.60 10.29
N VAL B 229 -2.72 20.15 9.88
CA VAL B 229 -1.71 20.96 9.18
C VAL B 229 -1.82 20.85 7.67
N GLY B 230 -2.06 21.98 7.01
CA GLY B 230 -2.00 22.03 5.54
C GLY B 230 -0.61 22.48 5.18
N VAL B 231 -0.02 21.89 4.16
CA VAL B 231 1.29 22.30 3.68
C VAL B 231 1.14 22.51 2.17
N ALA B 232 1.28 23.77 1.72
CA ALA B 232 0.98 24.16 0.33
C ALA B 232 1.49 25.51 0.01
N GLY B 233 1.95 25.65 -1.24
CA GLY B 233 2.47 26.92 -1.69
C GLY B 233 2.25 27.13 -3.16
N GLY B 234 2.56 28.34 -3.59
CA GLY B 234 2.32 28.78 -4.95
C GLY B 234 1.17 29.75 -4.93
N GLU B 235 1.28 30.86 -5.62
CA GLU B 235 0.28 31.87 -5.54
C GLU B 235 -1.04 31.41 -6.09
N ASN B 236 -0.98 30.58 -7.14
CA ASN B 236 -2.18 30.00 -7.68
C ASN B 236 -3.03 29.18 -6.71
N LYS B 237 -2.46 28.83 -5.55
CA LYS B 237 -3.21 28.10 -4.49
C LYS B 237 -3.79 29.03 -3.44
N ALA B 238 -3.43 30.30 -3.48
CA ALA B 238 -3.90 31.22 -2.44
C ALA B 238 -5.39 31.23 -2.12
N GLU B 239 -6.24 31.27 -3.13
CA GLU B 239 -7.68 31.20 -2.91
C GLU B 239 -8.12 29.86 -2.29
N ALA B 240 -7.51 28.77 -2.74
CA ALA B 240 -7.89 27.48 -2.22
C ALA B 240 -7.45 27.29 -0.75
N ILE B 241 -6.25 27.75 -0.42
CA ILE B 241 -5.73 27.69 0.96
C ILE B 241 -6.56 28.54 1.90
N ALA B 242 -6.88 29.76 1.51
CA ALA B 242 -7.80 30.56 2.32
C ALA B 242 -9.11 29.86 2.57
N ALA B 243 -9.71 29.31 1.51
CA ALA B 243 -10.97 28.59 1.63
C ALA B 243 -10.88 27.42 2.52
N ALA B 244 -9.72 26.72 2.51
CA ALA B 244 -9.55 25.53 3.30
C ALA B 244 -9.51 25.90 4.78
N MET B 245 -8.94 27.06 5.06
CA MET B 245 -8.94 27.53 6.45
C MET B 245 -10.28 28.05 6.87
N LYS B 246 -10.97 28.74 5.96
CA LYS B 246 -12.31 29.22 6.24
C LYS B 246 -13.28 28.07 6.50
N GLY B 247 -13.15 26.95 5.79
CA GLY B 247 -13.98 25.85 6.16
C GLY B 247 -13.60 25.08 7.39
N GLY B 248 -12.44 25.40 7.95
CA GLY B 248 -11.95 24.68 9.12
C GLY B 248 -11.25 23.33 8.88
N TYR B 249 -11.00 23.00 7.62
CA TYR B 249 -10.39 21.71 7.32
C TYR B 249 -8.96 21.61 7.85
N ILE B 250 -8.24 22.73 7.83
CA ILE B 250 -6.92 22.83 8.43
C ILE B 250 -6.99 23.95 9.46
N ASN B 251 -6.32 23.77 10.58
CA ASN B 251 -6.20 24.79 11.59
C ASN B 251 -4.72 25.11 11.87
N ALA B 252 -3.87 24.72 10.92
CA ALA B 252 -2.47 25.12 10.96
C ALA B 252 -1.94 25.09 9.52
N LEU B 253 -0.95 25.90 9.22
CA LEU B 253 -0.53 26.11 7.81
C LEU B 253 0.95 26.28 7.75
N VAL B 254 1.53 25.64 6.75
CA VAL B 254 2.91 25.85 6.35
C VAL B 254 2.86 26.26 4.87
N THR B 255 3.35 27.48 4.60
CA THR B 255 3.37 28.08 3.29
C THR B 255 4.56 28.96 3.05
N ASP B 256 4.60 29.54 1.87
CA ASP B 256 5.69 30.40 1.48
C ASP B 256 5.21 31.88 1.48
N GLN B 257 6.18 32.79 1.46
CA GLN B 257 5.99 34.23 1.61
C GLN B 257 5.01 34.80 0.61
N ASP B 258 5.22 34.50 -0.66
CA ASP B 258 4.39 35.08 -1.72
C ASP B 258 2.98 34.57 -1.54
N THR B 259 2.85 33.29 -1.18
CA THR B 259 1.54 32.74 -1.09
C THR B 259 0.80 33.32 0.10
N ALA B 260 1.51 33.48 1.22
CA ALA B 260 0.95 34.11 2.44
C ALA B 260 0.43 35.52 2.11
N ALA B 261 1.21 36.28 1.38
CA ALA B 261 0.79 37.64 0.99
C ALA B 261 -0.50 37.63 0.18
N ALA B 262 -0.55 36.75 -0.81
CA ALA B 262 -1.77 36.58 -1.58
C ALA B 262 -2.94 36.07 -0.76
N ILE B 263 -2.69 35.16 0.19
CA ILE B 263 -3.80 34.61 0.94
C ILE B 263 -4.39 35.77 1.73
N LEU B 264 -3.52 36.60 2.28
CA LEU B 264 -3.95 37.69 3.17
C LEU B 264 -4.82 38.71 2.41
N ARG B 265 -4.48 38.98 1.15
CA ARG B 265 -5.31 39.89 0.30
C ARG B 265 -6.55 39.24 -0.37
N SER B 266 -6.75 37.93 -0.21
CA SER B 266 -7.86 37.17 -0.83
C SER B 266 -9.26 37.60 -0.41
C1 HSX C . 1.24 -18.48 0.86
O4 HSX C . 1.73 -17.54 1.90
C2 HSX C . -0.12 -18.82 1.30
O2 HSX C . -1.16 -17.80 1.36
C3 HSX C . 0.13 -19.10 2.67
O3 HSX C . -1.15 -18.98 3.17
C4 HSX C . 1.23 -18.04 3.07
C5 HSX C . 2.52 -18.79 3.53
O5 HSX C . 3.33 -17.87 4.20
P' HSX C . 4.31 -18.27 5.35
O1X HSX C . 3.90 -19.64 6.01
O2X HSX C . 4.21 -17.14 6.45
O3X HSX C . 5.69 -18.26 4.79
O1 HSX C . 1.13 -17.98 -0.55
C1 HSX D . -4.40 17.47 -1.72
O4 HSX D . -3.25 16.60 -2.56
C2 HSX D . -5.47 17.35 -2.70
O2 HSX D . -5.89 16.02 -3.16
C3 HSX D . -4.72 17.90 -3.78
O3 HSX D . -5.43 17.60 -4.84
C4 HSX D . -3.27 17.30 -3.72
C5 HSX D . -2.27 18.47 -3.55
O5 HSX D . -1.04 17.91 -3.57
P' HSX D . 0.29 18.72 -4.04
O1X HSX D . -0.21 19.94 -4.90
O2X HSX D . 1.05 17.69 -4.99
O3X HSX D . 1.06 19.03 -2.83
O1 HSX D . -5.01 17.01 -0.41
#